data_6TD4
#
_entry.id   6TD4
#
_cell.length_a   66.874
_cell.length_b   67.457
_cell.length_c   69.884
_cell.angle_alpha   90.000
_cell.angle_beta   90.000
_cell.angle_gamma   90.000
#
_symmetry.space_group_name_H-M   'C 2 2 21'
#
loop_
_entity.id
_entity.type
_entity.pdbx_description
1 polymer 'Interferon regulatory factor 4'
2 non-polymer 'CHLORIDE ION'
3 water water
#
_entity_poly.entity_id   1
_entity_poly.type   'polypeptide(L)'
_entity_poly.pdbx_seq_one_letter_code
;GPMGHMGNGKLRQWLIDQIDSGKYPGLVWENAAASIFRIPWKHAGKQDYNREEDAALFKAWALFKGKFREGIDKPDPPTW
KTRLRSALNKSNDFEELVERSQLDISDPYKVYRIVPEGALE
;
_entity_poly.pdbx_strand_id   A
#
# COMPACT_ATOMS: atom_id res chain seq x y z
N ASN A 8 -1.34 12.91 3.42
CA ASN A 8 -1.89 13.15 4.75
C ASN A 8 -1.39 12.11 5.75
N GLY A 9 -1.51 12.43 7.03
CA GLY A 9 -1.11 11.52 8.09
C GLY A 9 -2.07 10.38 8.35
N LYS A 10 -3.21 10.34 7.65
CA LYS A 10 -4.16 9.25 7.82
C LYS A 10 -3.64 7.92 7.27
N LEU A 11 -2.70 7.96 6.31
CA LEU A 11 -2.23 6.72 5.69
C LEU A 11 -1.50 5.82 6.70
N ARG A 12 -0.78 6.42 7.65
CA ARG A 12 0.08 5.66 8.54
C ARG A 12 -0.69 4.60 9.31
N GLN A 13 -1.71 5.02 10.08
CA GLN A 13 -2.45 4.06 10.90
C GLN A 13 -3.30 3.14 10.04
N TRP A 14 -3.87 3.65 8.94
CA TRP A 14 -4.71 2.82 8.08
C TRP A 14 -3.91 1.68 7.48
N LEU A 15 -2.72 1.96 6.97
CA LEU A 15 -1.94 0.91 6.32
C LEU A 15 -1.47 -0.12 7.34
N ILE A 16 -1.11 0.31 8.56
CA ILE A 16 -0.78 -0.64 9.62
C ILE A 16 -1.94 -1.59 9.87
N ASP A 17 -3.17 -1.06 9.93
CA ASP A 17 -4.34 -1.89 10.19
C ASP A 17 -4.57 -2.89 9.05
N GLN A 18 -4.31 -2.47 7.80
CA GLN A 18 -4.53 -3.37 6.67
C GLN A 18 -3.52 -4.52 6.66
N ILE A 19 -2.26 -4.27 7.02
CA ILE A 19 -1.27 -5.34 7.11
C ILE A 19 -1.67 -6.31 8.21
N ASP A 20 -2.02 -5.78 9.38
CA ASP A 20 -2.41 -6.62 10.52
C ASP A 20 -3.62 -7.50 10.21
N SER A 21 -4.54 -7.00 9.37
CA SER A 21 -5.80 -7.70 9.15
C SER A 21 -5.61 -9.02 8.40
N GLY A 22 -4.57 -9.12 7.58
CA GLY A 22 -4.37 -10.30 6.77
C GLY A 22 -5.35 -10.47 5.64
N LYS A 23 -6.14 -9.45 5.31
CA LYS A 23 -7.15 -9.55 4.27
C LYS A 23 -6.58 -9.44 2.86
N TYR A 24 -5.35 -8.98 2.72
CA TYR A 24 -4.77 -8.69 1.41
C TYR A 24 -3.59 -9.60 1.14
N PRO A 25 -3.72 -10.56 0.22
CA PRO A 25 -2.60 -11.48 -0.05
C PRO A 25 -1.35 -10.72 -0.51
N GLY A 26 -0.24 -11.02 0.15
CA GLY A 26 1.03 -10.40 -0.18
C GLY A 26 1.36 -9.16 0.62
N LEU A 27 0.39 -8.58 1.33
CA LEU A 27 0.61 -7.44 2.22
C LEU A 27 0.86 -8.00 3.62
N VAL A 28 2.14 -8.20 3.95
CA VAL A 28 2.56 -8.97 5.12
C VAL A 28 3.76 -8.31 5.79
N TRP A 29 3.87 -8.51 7.10
CA TRP A 29 5.08 -8.11 7.82
C TRP A 29 6.26 -8.98 7.42
N GLU A 30 7.41 -8.35 7.13
CA GLU A 30 8.65 -9.11 6.99
C GLU A 30 9.43 -9.17 8.31
N ASN A 31 9.44 -8.06 9.06
CA ASN A 31 9.94 -8.04 10.44
C ASN A 31 9.02 -7.08 11.20
N ALA A 32 8.07 -7.64 11.94
CA ALA A 32 7.07 -6.81 12.61
C ALA A 32 7.71 -5.92 13.66
N ALA A 33 8.73 -6.42 14.36
CA ALA A 33 9.32 -5.65 15.46
C ALA A 33 10.07 -4.43 14.93
N ALA A 34 10.63 -4.52 13.73
CA ALA A 34 11.25 -3.38 13.07
C ALA A 34 10.30 -2.64 12.15
N SER A 35 9.02 -3.04 12.11
CA SER A 35 8.00 -2.42 11.27
C SER A 35 8.39 -2.39 9.78
N ILE A 36 8.90 -3.52 9.29
CA ILE A 36 9.25 -3.72 7.88
C ILE A 36 8.22 -4.64 7.25
N PHE A 37 7.66 -4.23 6.10
CA PHE A 37 6.58 -4.97 5.44
C PHE A 37 6.76 -5.03 3.94
N ARG A 38 6.11 -6.04 3.32
CA ARG A 38 6.06 -6.20 1.87
C ARG A 38 4.70 -5.74 1.35
N ILE A 39 4.68 -5.15 0.16
CA ILE A 39 3.43 -4.76 -0.50
C ILE A 39 3.52 -5.17 -1.96
N PRO A 40 2.51 -5.87 -2.49
CA PRO A 40 2.58 -6.29 -3.91
C PRO A 40 2.70 -5.10 -4.84
N TRP A 41 3.48 -5.27 -5.92
CA TRP A 41 3.80 -4.20 -6.85
C TRP A 41 3.73 -4.77 -8.27
N LYS A 42 2.52 -5.07 -8.71
CA LYS A 42 2.30 -5.72 -10.00
C LYS A 42 2.07 -4.68 -11.10
N HIS A 43 2.17 -5.14 -12.34
CA HIS A 43 1.89 -4.31 -13.50
C HIS A 43 0.75 -4.93 -14.29
N ALA A 44 0.03 -4.09 -15.04
CA ALA A 44 -1.06 -4.56 -15.89
C ALA A 44 -0.55 -5.55 -16.92
N GLY A 45 -0.86 -6.84 -16.72
CA GLY A 45 -0.40 -7.88 -17.63
C GLY A 45 0.11 -9.10 -16.89
N GLU A 52 -8.11 -9.70 -13.48
CA GLU A 52 -7.79 -8.61 -12.55
C GLU A 52 -6.55 -8.93 -11.72
N GLU A 53 -5.92 -7.89 -11.17
CA GLU A 53 -4.79 -8.04 -10.28
C GLU A 53 -5.18 -7.92 -8.81
N ASP A 54 -6.48 -8.04 -8.52
CA ASP A 54 -7.02 -7.80 -7.18
C ASP A 54 -6.74 -6.36 -6.75
N ALA A 55 -7.68 -5.46 -7.04
CA ALA A 55 -7.58 -4.07 -6.64
C ALA A 55 -8.22 -3.79 -5.29
N ALA A 56 -8.40 -4.83 -4.46
CA ALA A 56 -9.13 -4.68 -3.21
C ALA A 56 -8.50 -3.62 -2.31
N LEU A 57 -7.16 -3.62 -2.20
CA LEU A 57 -6.49 -2.64 -1.35
C LEU A 57 -6.70 -1.22 -1.88
N PHE A 58 -6.63 -1.06 -3.21
CA PHE A 58 -6.77 0.26 -3.81
C PHE A 58 -8.19 0.79 -3.68
N LYS A 59 -9.19 -0.09 -3.85
CA LYS A 59 -10.58 0.31 -3.67
C LYS A 59 -10.86 0.70 -2.21
N ALA A 60 -10.27 -0.03 -1.27
CA ALA A 60 -10.49 0.25 0.15
C ALA A 60 -10.00 1.64 0.53
N TRP A 61 -8.85 2.04 -0.01
CA TRP A 61 -8.34 3.39 0.22
C TRP A 61 -9.26 4.43 -0.41
N ALA A 62 -9.81 4.14 -1.60
CA ALA A 62 -10.74 5.07 -2.24
C ALA A 62 -11.99 5.29 -1.39
N LEU A 63 -12.53 4.22 -0.81
CA LEU A 63 -13.73 4.38 0.03
C LEU A 63 -13.39 5.10 1.33
N PHE A 64 -12.21 4.81 1.89
CA PHE A 64 -11.83 5.37 3.19
C PHE A 64 -11.71 6.90 3.13
N LYS A 65 -11.14 7.42 2.04
CA LYS A 65 -10.96 8.86 1.88
C LYS A 65 -12.16 9.54 1.22
N GLY A 66 -13.22 8.81 0.88
CA GLY A 66 -14.39 9.43 0.29
C GLY A 66 -14.30 9.74 -1.18
N LYS A 67 -13.34 9.15 -1.89
CA LYS A 67 -13.21 9.34 -3.33
C LYS A 67 -14.11 8.40 -4.13
N PHE A 68 -14.89 7.55 -3.47
CA PHE A 68 -15.74 6.60 -4.16
C PHE A 68 -16.95 6.26 -3.30
N ARG A 69 -18.11 6.16 -3.95
CA ARG A 69 -19.37 5.79 -3.31
C ARG A 69 -19.99 4.63 -4.07
N GLU A 70 -20.22 3.52 -3.37
CA GLU A 70 -20.69 2.30 -4.01
C GLU A 70 -22.05 2.51 -4.67
N GLY A 71 -22.14 2.16 -5.95
CA GLY A 71 -23.38 2.27 -6.70
C GLY A 71 -23.74 3.68 -7.14
N ILE A 72 -22.90 4.67 -6.84
CA ILE A 72 -23.10 6.05 -7.30
C ILE A 72 -22.02 6.45 -8.30
N ASP A 73 -20.76 6.33 -7.92
CA ASP A 73 -19.63 6.62 -8.79
C ASP A 73 -19.29 5.40 -9.64
N LYS A 74 -18.81 5.65 -10.85
CA LYS A 74 -18.32 4.57 -11.68
C LYS A 74 -16.97 4.09 -11.18
N PRO A 75 -16.74 2.79 -11.08
CA PRO A 75 -15.45 2.30 -10.59
C PRO A 75 -14.32 2.68 -11.54
N ASP A 76 -13.15 2.98 -10.95
CA ASP A 76 -11.98 3.39 -11.72
C ASP A 76 -10.72 2.80 -11.09
N PRO A 77 -10.51 1.49 -11.23
CA PRO A 77 -9.38 0.83 -10.58
C PRO A 77 -8.02 1.38 -10.97
N PRO A 78 -7.78 1.73 -12.25
CA PRO A 78 -6.47 2.33 -12.57
C PRO A 78 -6.17 3.60 -11.79
N THR A 79 -7.16 4.47 -11.62
CA THR A 79 -6.93 5.71 -10.87
C THR A 79 -6.75 5.44 -9.39
N TRP A 80 -7.51 4.48 -8.83
CA TRP A 80 -7.33 4.10 -7.44
C TRP A 80 -5.92 3.60 -7.17
N LYS A 81 -5.36 2.84 -8.11
CA LYS A 81 -4.02 2.29 -7.95
C LYS A 81 -2.96 3.39 -7.96
N THR A 82 -3.05 4.30 -8.92
CA THR A 82 -2.11 5.42 -8.99
C THR A 82 -2.16 6.26 -7.72
N ARG A 83 -3.35 6.45 -7.16
N ARG A 83 -3.36 6.49 -7.17
CA ARG A 83 -3.53 7.39 -6.04
CA ARG A 83 -3.50 7.38 -6.03
C ARG A 83 -2.96 6.83 -4.73
C ARG A 83 -2.86 6.81 -4.77
N LEU A 84 -3.13 5.52 -4.48
CA LEU A 84 -2.52 4.93 -3.29
C LEU A 84 -1.01 4.83 -3.43
N ARG A 85 -0.51 4.48 -4.62
CA ARG A 85 0.93 4.41 -4.81
C ARG A 85 1.58 5.78 -4.60
N SER A 86 0.93 6.84 -5.10
CA SER A 86 1.48 8.18 -4.93
C SER A 86 1.48 8.61 -3.45
N ALA A 87 0.41 8.29 -2.72
CA ALA A 87 0.35 8.66 -1.31
C ALA A 87 1.47 8.00 -0.52
N LEU A 88 1.75 6.73 -0.81
CA LEU A 88 2.83 6.01 -0.13
C LEU A 88 4.18 6.61 -0.48
N ASN A 89 4.40 6.92 -1.76
CA ASN A 89 5.70 7.44 -2.21
C ASN A 89 5.97 8.84 -1.67
N LYS A 90 4.93 9.64 -1.43
CA LYS A 90 5.12 11.00 -0.95
C LYS A 90 5.03 11.12 0.57
N SER A 91 4.80 10.03 1.29
CA SER A 91 4.60 10.09 2.74
C SER A 91 5.93 10.12 3.47
N ASN A 92 5.99 10.94 4.54
CA ASN A 92 7.15 10.98 5.41
C ASN A 92 7.13 9.90 6.48
N ASP A 93 6.04 9.13 6.58
CA ASP A 93 5.94 8.06 7.55
C ASP A 93 6.48 6.73 7.04
N PHE A 94 6.82 6.63 5.75
CA PHE A 94 7.27 5.38 5.13
C PHE A 94 8.56 5.61 4.35
N GLU A 95 9.41 4.58 4.34
CA GLU A 95 10.69 4.60 3.61
C GLU A 95 10.87 3.29 2.86
N GLU A 96 11.04 3.35 1.53
CA GLU A 96 11.28 2.12 0.78
C GLU A 96 12.69 1.60 1.04
N LEU A 97 12.81 0.29 1.28
CA LEU A 97 14.11 -0.38 1.33
C LEU A 97 14.40 -0.90 -0.06
N VAL A 98 14.99 -0.03 -0.89
CA VAL A 98 15.10 -0.29 -2.33
C VAL A 98 15.87 -1.58 -2.61
N GLU A 99 16.90 -1.87 -1.83
CA GLU A 99 17.70 -3.05 -2.10
C GLU A 99 16.98 -4.36 -1.79
N ARG A 100 15.83 -4.30 -1.11
N ARG A 100 15.81 -4.30 -1.16
CA ARG A 100 15.04 -5.49 -0.79
CA ARG A 100 15.07 -5.51 -0.84
C ARG A 100 13.89 -5.74 -1.77
C ARG A 100 13.83 -5.71 -1.70
N SER A 101 13.47 -4.73 -2.52
CA SER A 101 12.32 -4.89 -3.41
C SER A 101 12.68 -5.83 -4.57
N GLN A 102 11.65 -6.52 -5.08
CA GLN A 102 11.81 -7.51 -6.17
C GLN A 102 10.74 -7.20 -7.21
N LEU A 103 11.09 -6.40 -8.22
CA LEU A 103 10.11 -5.89 -9.17
C LEU A 103 9.98 -6.73 -10.44
N ASP A 104 10.88 -7.69 -10.68
CA ASP A 104 10.92 -8.38 -11.97
C ASP A 104 10.68 -9.88 -11.84
N ILE A 105 10.01 -10.32 -10.77
CA ILE A 105 9.72 -11.73 -10.56
C ILE A 105 8.22 -11.98 -10.77
N SER A 106 7.81 -13.26 -10.67
CA SER A 106 6.43 -13.62 -10.98
C SER A 106 5.43 -13.05 -9.99
N ASP A 107 5.84 -12.80 -8.75
CA ASP A 107 5.00 -12.16 -7.73
C ASP A 107 5.75 -10.97 -7.16
N PRO A 108 5.81 -9.86 -7.88
CA PRO A 108 6.69 -8.76 -7.47
C PRO A 108 6.14 -7.99 -6.28
N TYR A 109 7.05 -7.37 -5.53
CA TYR A 109 6.68 -6.61 -4.34
C TYR A 109 7.76 -5.55 -4.04
N LYS A 110 7.35 -4.54 -3.28
CA LYS A 110 8.27 -3.59 -2.68
C LYS A 110 8.31 -3.82 -1.17
N VAL A 111 9.41 -3.41 -0.54
CA VAL A 111 9.59 -3.51 0.92
C VAL A 111 9.71 -2.10 1.49
N TYR A 112 8.91 -1.79 2.52
CA TYR A 112 8.94 -0.50 3.19
C TYR A 112 9.18 -0.66 4.69
N ARG A 113 9.73 0.39 5.31
CA ARG A 113 9.82 0.53 6.75
C ARG A 113 9.02 1.73 7.21
N ILE A 114 8.35 1.60 8.35
CA ILE A 114 7.62 2.72 8.96
C ILE A 114 8.57 3.50 9.86
N VAL A 115 8.64 4.81 9.64
CA VAL A 115 9.59 5.67 10.35
C VAL A 115 9.05 5.97 11.75
N PRO A 116 9.79 5.65 12.82
CA PRO A 116 9.30 5.96 14.15
C PRO A 116 9.10 7.46 14.34
N GLU A 117 8.10 7.80 15.15
CA GLU A 117 7.90 9.20 15.54
C GLU A 117 9.12 9.69 16.32
N GLY A 118 9.56 10.90 15.98
CA GLY A 118 10.76 11.47 16.53
C GLY A 118 11.96 11.38 15.61
N ALA A 119 11.96 10.39 14.71
CA ALA A 119 12.99 10.29 13.67
C ALA A 119 12.64 11.11 12.44
N LEU A 120 11.42 11.63 12.34
CA LEU A 120 11.00 12.43 11.19
C LEU A 120 10.86 13.90 11.58
#